data_7PQ7
#
_entry.id   7PQ7
#
_cell.length_a   120.876
_cell.length_b   51.726
_cell.length_c   75.541
_cell.angle_alpha   90.000
_cell.angle_beta   125.143
_cell.angle_gamma   90.000
#
_symmetry.space_group_name_H-M   'C 1 2 1'
#
loop_
_entity.id
_entity.type
_entity.pdbx_description
1 polymer 'Thiol:disulfide interchange protein DsbA'
2 non-polymer 'TRIETHYLENE GLYCOL'
3 non-polymer 'TETRAETHYLENE GLYCOL'
4 water water
#
_entity_poly.entity_id   1
_entity_poly.type   'polypeptide(L)'
_entity_poly.pdbx_seq_one_letter_code
;MANNSFITLNPSLPNSENSVIEAFSYKCIHCYNHHKFGTLEKLREAFPNLHFKLYPVSLMNGEFSKEMNELFAFAQYKDE
QNGKDASYSDSLSHKLADVYFVSYFLNKQRNFSNLDEFYDIGLKAMNVNKNEVLNFLNTPKAKEILSEFQRANDIAKTYG
TPAFVVNGKYQINPSAINSMQDLEDLVKKLSNMKLEHHHHHH
;
_entity_poly.pdbx_strand_id   A,B
#
loop_
_chem_comp.id
_chem_comp.type
_chem_comp.name
_chem_comp.formula
PG4 non-polymer 'TETRAETHYLENE GLYCOL' 'C8 H18 O5'
PGE non-polymer 'TRIETHYLENE GLYCOL' 'C6 H14 O4'
#
# COMPACT_ATOMS: atom_id res chain seq x y z
N ASN A 4 1.33 24.68 15.41
CA ASN A 4 1.55 23.25 15.27
C ASN A 4 1.68 22.95 13.78
N SER A 5 2.31 21.82 13.45
CA SER A 5 2.53 21.48 12.04
C SER A 5 1.30 20.83 11.37
N PHE A 6 0.34 20.41 12.17
CA PHE A 6 -0.84 19.78 11.63
C PHE A 6 -1.96 19.89 12.64
N ILE A 7 -3.21 19.68 12.18
CA ILE A 7 -4.36 19.58 13.08
C ILE A 7 -5.06 18.25 12.84
N THR A 8 -5.87 17.85 13.79
CA THR A 8 -6.61 16.59 13.69
C THR A 8 -8.06 16.88 13.31
N LEU A 9 -8.51 16.32 12.17
CA LEU A 9 -9.89 16.46 11.70
C LEU A 9 -10.83 15.61 12.53
N ASN A 10 -12.00 16.12 12.80
CA ASN A 10 -13.01 15.41 13.57
C ASN A 10 -14.41 15.79 13.06
N PRO A 11 -15.16 14.87 12.47
CA PRO A 11 -14.77 13.48 12.26
C PRO A 11 -13.73 13.30 11.14
N SER A 12 -13.13 12.11 11.08
CA SER A 12 -12.19 11.84 10.02
C SER A 12 -12.95 11.63 8.72
N LEU A 13 -12.25 11.77 7.60
CA LEU A 13 -12.91 11.67 6.29
C LEU A 13 -13.21 10.21 5.92
N PRO A 14 -14.30 9.97 5.20
CA PRO A 14 -14.57 8.65 4.69
C PRO A 14 -13.66 8.31 3.53
N ASN A 15 -13.52 6.98 3.32
CA ASN A 15 -12.81 6.45 2.18
C ASN A 15 -11.43 7.05 2.05
N SER A 16 -10.75 7.25 3.17
CA SER A 16 -9.44 7.88 3.14
C SER A 16 -8.34 7.07 3.84
N GLU A 17 -8.51 5.76 4.06
CA GLU A 17 -7.43 5.00 4.66
C GLU A 17 -6.22 4.95 3.73
N ASN A 18 -5.06 4.95 4.33
CA ASN A 18 -3.79 4.91 3.62
C ASN A 18 -3.75 5.84 2.41
N SER A 19 -3.95 7.13 2.70
CA SER A 19 -4.08 8.07 1.58
C SER A 19 -3.56 9.46 1.92
N VAL A 20 -3.28 10.21 0.87
CA VAL A 20 -3.14 11.68 0.98
C VAL A 20 -4.18 12.29 0.08
N ILE A 21 -4.91 13.29 0.60
CA ILE A 21 -5.92 14.00 -0.15
C ILE A 21 -5.44 15.43 -0.22
N GLU A 22 -5.48 15.98 -1.42
CA GLU A 22 -5.15 17.40 -1.62
C GLU A 22 -6.41 18.15 -1.98
N ALA A 23 -6.78 19.15 -1.11
CA ALA A 23 -7.87 20.06 -1.46
C ALA A 23 -7.23 21.19 -2.23
N PHE A 24 -7.75 21.47 -3.41
CA PHE A 24 -7.12 22.39 -4.33
C PHE A 24 -8.14 23.22 -5.08
N SER A 25 -7.67 24.35 -5.62
CA SER A 25 -8.43 25.12 -6.57
C SER A 25 -7.69 25.37 -7.84
N TYR A 26 -8.37 25.33 -8.97
CA TYR A 26 -7.64 25.57 -10.21
C TYR A 26 -7.21 27.01 -10.37
N LYS A 27 -7.63 27.87 -9.47
CA LYS A 27 -7.24 29.30 -9.53
C LYS A 27 -6.17 29.64 -8.52
N CYS A 28 -5.64 28.65 -7.85
CA CYS A 28 -4.67 28.79 -6.76
C CYS A 28 -3.28 28.55 -7.31
N ILE A 29 -2.40 29.57 -7.22
CA ILE A 29 -1.09 29.47 -7.86
CA ILE A 29 -1.12 29.44 -7.90
C ILE A 29 -0.24 28.45 -7.14
N HIS A 30 -0.42 28.31 -5.83
CA HIS A 30 0.40 27.32 -5.11
C HIS A 30 -0.06 25.93 -5.48
N CYS A 31 -1.37 25.75 -5.66
CA CYS A 31 -1.84 24.47 -6.21
C CYS A 31 -1.20 24.18 -7.58
N TYR A 32 -1.20 25.18 -8.48
CA TYR A 32 -0.57 24.99 -9.76
C TYR A 32 0.88 24.60 -9.63
N ASN A 33 1.60 25.24 -8.72
CA ASN A 33 3.00 24.93 -8.56
C ASN A 33 3.19 23.46 -8.12
N HIS A 34 2.35 22.97 -7.21
CA HIS A 34 2.47 21.56 -6.81
C HIS A 34 2.15 20.67 -7.97
N HIS A 35 1.16 21.06 -8.78
CA HIS A 35 0.81 20.25 -9.95
C HIS A 35 1.99 20.14 -10.94
N LYS A 36 2.59 21.30 -11.28
CA LYS A 36 3.72 21.31 -12.21
C LYS A 36 4.92 20.56 -11.64
N PHE A 37 5.18 20.75 -10.35
CA PHE A 37 6.33 20.12 -9.72
C PHE A 37 6.19 18.60 -9.65
N GLY A 38 4.96 18.08 -9.60
CA GLY A 38 4.70 16.64 -9.50
C GLY A 38 4.71 16.14 -8.07
N THR A 39 4.28 16.99 -7.14
CA THR A 39 4.25 16.64 -5.73
C THR A 39 3.56 15.34 -5.47
N LEU A 40 2.35 15.16 -6.01
CA LEU A 40 1.69 13.87 -5.74
C LEU A 40 2.45 12.66 -6.34
N GLU A 41 2.94 12.76 -7.58
CA GLU A 41 3.74 11.66 -8.16
C GLU A 41 4.96 11.36 -7.29
N LYS A 42 5.64 12.42 -6.81
CA LYS A 42 6.81 12.22 -5.97
C LYS A 42 6.44 11.61 -4.63
N LEU A 43 5.25 11.88 -4.12
CA LEU A 43 4.85 11.26 -2.86
C LEU A 43 4.57 9.79 -3.08
N ARG A 44 3.98 9.46 -4.22
CA ARG A 44 3.79 8.04 -4.54
C ARG A 44 5.13 7.34 -4.62
N GLU A 45 6.11 7.96 -5.28
CA GLU A 45 7.46 7.38 -5.32
C GLU A 45 7.96 7.06 -3.92
N ALA A 46 7.83 8.01 -2.99
CA ALA A 46 8.29 7.79 -1.62
C ALA A 46 7.39 6.88 -0.81
N PHE A 47 6.09 6.87 -1.10
CA PHE A 47 5.10 6.10 -0.35
C PHE A 47 4.23 5.36 -1.36
N PRO A 48 4.75 4.26 -1.92
CA PRO A 48 4.01 3.53 -2.97
C PRO A 48 2.80 2.74 -2.45
N ASN A 49 2.66 2.64 -1.13
CA ASN A 49 1.52 2.04 -0.45
C ASN A 49 0.31 2.93 -0.29
N LEU A 50 0.45 4.22 -0.55
CA LEU A 50 -0.61 5.20 -0.30
C LEU A 50 -1.39 5.46 -1.58
N HIS A 51 -2.66 5.91 -1.42
CA HIS A 51 -3.55 6.32 -2.49
C HIS A 51 -3.66 7.86 -2.44
N PHE A 52 -3.83 8.45 -3.61
CA PHE A 52 -3.83 9.92 -3.69
C PHE A 52 -5.06 10.41 -4.41
N LYS A 53 -5.70 11.45 -3.84
CA LYS A 53 -6.96 11.96 -4.36
C LYS A 53 -6.98 13.47 -4.34
N LEU A 54 -7.55 14.02 -5.39
CA LEU A 54 -7.83 15.46 -5.41
C LEU A 54 -9.25 15.74 -4.92
N TYR A 55 -9.37 16.77 -4.09
CA TYR A 55 -10.64 17.33 -3.58
C TYR A 55 -10.74 18.76 -4.13
N PRO A 56 -11.55 19.01 -5.15
CA PRO A 56 -11.71 20.41 -5.61
C PRO A 56 -12.45 21.22 -4.58
N VAL A 57 -12.08 22.50 -4.40
CA VAL A 57 -12.73 23.39 -3.46
C VAL A 57 -13.72 24.28 -4.21
N SER A 58 -15.02 23.96 -4.13
CA SER A 58 -15.98 24.59 -5.03
C SER A 58 -16.13 26.07 -4.73
N LEU A 59 -16.01 26.48 -3.47
CA LEU A 59 -16.13 27.89 -3.14
C LEU A 59 -15.11 28.78 -3.86
N MET A 60 -14.02 28.20 -4.37
CA MET A 60 -12.95 28.92 -5.02
C MET A 60 -12.92 28.76 -6.53
N ASN A 61 -13.82 27.95 -7.12
CA ASN A 61 -13.71 27.51 -8.50
C ASN A 61 -14.70 28.21 -9.42
N GLY A 62 -15.34 29.30 -8.97
CA GLY A 62 -15.97 30.11 -9.96
C GLY A 62 -17.35 29.70 -10.46
N GLU A 63 -17.69 30.25 -11.64
CA GLU A 63 -19.02 30.13 -12.24
C GLU A 63 -19.42 28.66 -12.41
N PHE A 64 -18.49 27.88 -12.87
CA PHE A 64 -18.80 26.47 -13.16
C PHE A 64 -18.31 25.54 -12.08
N SER A 65 -18.35 25.97 -10.83
CA SER A 65 -17.78 25.17 -9.75
C SER A 65 -18.50 23.83 -9.56
N LYS A 66 -19.86 23.79 -9.69
CA LYS A 66 -20.56 22.51 -9.53
C LYS A 66 -20.14 21.55 -10.62
N GLU A 67 -20.00 22.05 -11.83
CA GLU A 67 -19.65 21.20 -12.98
C GLU A 67 -18.19 20.79 -12.92
N MET A 68 -17.33 21.63 -12.37
CA MET A 68 -15.96 21.19 -12.17
CA MET A 68 -15.95 21.22 -12.10
C MET A 68 -15.94 20.00 -11.21
N ASN A 69 -16.79 20.03 -10.19
CA ASN A 69 -16.82 18.92 -9.24
C ASN A 69 -17.31 17.67 -9.93
N GLU A 70 -18.32 17.82 -10.83
CA GLU A 70 -18.79 16.67 -11.59
C GLU A 70 -17.64 16.01 -12.32
N LEU A 71 -16.84 16.82 -13.01
CA LEU A 71 -15.77 16.28 -13.88
C LEU A 71 -14.68 15.61 -13.04
N PHE A 72 -14.35 16.17 -11.86
CA PHE A 72 -13.34 15.55 -11.00
C PHE A 72 -13.90 14.29 -10.38
N ALA A 73 -15.19 14.24 -10.07
CA ALA A 73 -15.75 13.01 -9.51
C ALA A 73 -15.66 11.92 -10.53
N PHE A 74 -16.00 12.26 -11.78
CA PHE A 74 -15.89 11.25 -12.86
C PHE A 74 -14.47 10.76 -12.99
N ALA A 75 -13.50 11.68 -13.03
CA ALA A 75 -12.10 11.36 -13.19
C ALA A 75 -11.60 10.47 -12.06
N GLN A 76 -12.10 10.68 -10.83
CA GLN A 76 -11.71 9.88 -9.70
C GLN A 76 -12.19 8.46 -9.95
N TYR A 77 -13.48 8.32 -10.28
CA TYR A 77 -14.12 7.00 -10.50
CA TYR A 77 -14.01 6.98 -10.43
C TYR A 77 -13.40 6.27 -11.62
N LYS A 78 -13.13 6.99 -12.72
CA LYS A 78 -12.52 6.28 -13.87
C LYS A 78 -11.07 5.88 -13.56
N ASP A 79 -10.32 6.75 -12.90
CA ASP A 79 -8.95 6.42 -12.56
C ASP A 79 -8.92 5.19 -11.64
N GLU A 80 -9.83 5.12 -10.69
CA GLU A 80 -9.86 4.03 -9.74
C GLU A 80 -10.20 2.75 -10.50
N GLN A 81 -11.10 2.86 -11.50
CA GLN A 81 -11.46 1.68 -12.32
C GLN A 81 -10.24 1.12 -13.06
N ASN A 82 -9.31 2.00 -13.40
CA ASN A 82 -8.15 1.76 -14.24
CA ASN A 82 -8.15 1.73 -14.23
C ASN A 82 -6.93 1.47 -13.40
N GLY A 83 -7.10 1.29 -12.09
CA GLY A 83 -5.99 1.12 -11.14
C GLY A 83 -5.01 2.29 -10.99
N LYS A 84 -5.42 3.55 -11.27
CA LYS A 84 -4.57 4.73 -11.16
C LYS A 84 -5.24 5.66 -10.16
N ASP A 85 -4.57 6.78 -9.94
CA ASP A 85 -5.10 7.82 -9.05
C ASP A 85 -4.43 9.12 -9.44
N ALA A 86 -4.69 10.21 -8.67
CA ALA A 86 -4.16 11.47 -9.09
C ALA A 86 -2.63 11.60 -9.02
N SER A 87 -1.93 10.63 -8.45
CA SER A 87 -0.48 10.71 -8.41
C SER A 87 0.14 10.17 -9.69
N TYR A 88 -0.68 9.79 -10.66
CA TYR A 88 -0.16 9.41 -11.94
C TYR A 88 -0.35 10.51 -12.95
N SER A 89 0.73 10.85 -13.63
CA SER A 89 0.73 11.86 -14.68
C SER A 89 -0.23 11.55 -15.83
N ASP A 90 -0.46 10.26 -16.16
CA ASP A 90 -1.39 9.96 -17.25
C ASP A 90 -2.82 9.75 -16.76
N SER A 91 -3.12 10.00 -15.49
CA SER A 91 -4.46 9.75 -14.99
C SER A 91 -5.42 10.81 -15.54
N LEU A 92 -6.70 10.47 -15.53
CA LEU A 92 -7.70 11.44 -15.94
C LEU A 92 -7.72 12.62 -14.99
N SER A 93 -7.52 12.35 -13.69
CA SER A 93 -7.54 13.42 -12.71
C SER A 93 -6.42 14.39 -13.02
N HIS A 94 -5.22 13.94 -13.29
CA HIS A 94 -4.09 14.83 -13.53
C HIS A 94 -4.28 15.61 -14.82
N LYS A 95 -4.75 14.96 -15.88
CA LYS A 95 -5.01 15.58 -17.18
C LYS A 95 -6.10 16.64 -17.04
N LEU A 96 -7.08 16.36 -16.20
CA LEU A 96 -8.17 17.29 -16.02
C LEU A 96 -7.67 18.51 -15.26
N ALA A 97 -6.92 18.28 -14.20
CA ALA A 97 -6.36 19.44 -13.51
C ALA A 97 -5.45 20.26 -14.42
N ASP A 98 -4.64 19.61 -15.24
CA ASP A 98 -3.71 20.32 -16.11
C ASP A 98 -4.44 21.25 -17.07
N VAL A 99 -5.55 20.82 -17.65
CA VAL A 99 -6.14 21.64 -18.71
C VAL A 99 -6.74 22.90 -18.12
N TYR A 100 -7.21 22.84 -16.86
CA TYR A 100 -7.81 24.03 -16.28
C TYR A 100 -6.72 24.91 -15.73
N PHE A 101 -5.66 24.34 -15.18
CA PHE A 101 -4.52 25.18 -14.72
C PHE A 101 -3.92 25.93 -15.90
N VAL A 102 -3.70 25.24 -17.02
CA VAL A 102 -3.17 25.88 -18.23
C VAL A 102 -4.11 26.97 -18.72
N SER A 103 -5.42 26.74 -18.64
CA SER A 103 -6.37 27.70 -19.17
C SER A 103 -6.29 28.97 -18.40
N TYR A 104 -6.29 28.82 -17.07
CA TYR A 104 -6.32 29.99 -16.19
C TYR A 104 -4.98 30.70 -16.15
N PHE A 105 -3.90 29.98 -15.86
CA PHE A 105 -2.61 30.63 -15.60
C PHE A 105 -1.77 30.89 -16.83
N LEU A 106 -1.75 29.98 -17.79
CA LEU A 106 -0.87 30.22 -18.94
C LEU A 106 -1.56 30.83 -20.16
N ASN A 107 -2.85 30.60 -20.34
CA ASN A 107 -3.61 31.26 -21.38
C ASN A 107 -4.46 32.40 -20.81
N LYS A 108 -4.40 32.61 -19.51
CA LYS A 108 -4.99 33.78 -18.85
C LYS A 108 -6.45 33.97 -19.27
N GLN A 109 -7.18 32.84 -19.32
CA GLN A 109 -8.58 32.85 -19.72
CA GLN A 109 -8.58 32.85 -19.72
C GLN A 109 -9.41 33.21 -18.50
N ARG A 110 -9.92 34.44 -18.47
CA ARG A 110 -10.70 34.94 -17.36
C ARG A 110 -11.97 34.11 -17.16
N ASN A 111 -12.67 33.84 -18.25
CA ASN A 111 -14.00 33.25 -18.22
C ASN A 111 -14.07 32.18 -19.29
N PHE A 112 -15.14 31.39 -19.21
CA PHE A 112 -15.58 30.52 -20.29
C PHE A 112 -16.90 31.07 -20.83
N SER A 113 -17.03 31.13 -22.15
CA SER A 113 -18.25 31.61 -22.79
C SER A 113 -19.53 31.09 -22.16
N ASN A 114 -19.64 29.77 -22.00
CA ASN A 114 -20.87 29.16 -21.53
C ASN A 114 -20.53 27.77 -21.02
N LEU A 115 -21.54 27.08 -20.48
CA LEU A 115 -21.30 25.82 -19.80
C LEU A 115 -20.82 24.75 -20.77
N ASP A 116 -21.36 24.70 -21.97
CA ASP A 116 -20.88 23.72 -22.94
C ASP A 116 -19.39 23.89 -23.25
N GLU A 117 -18.91 25.13 -23.32
CA GLU A 117 -17.51 25.37 -23.65
C GLU A 117 -16.62 24.95 -22.50
N PHE A 118 -17.03 25.28 -21.29
CA PHE A 118 -16.30 24.84 -20.11
C PHE A 118 -16.20 23.33 -20.04
N TYR A 119 -17.34 22.65 -20.19
CA TYR A 119 -17.38 21.20 -20.02
C TYR A 119 -16.50 20.52 -21.07
N ASP A 120 -16.58 21.02 -22.31
CA ASP A 120 -15.89 20.36 -23.40
C ASP A 120 -14.39 20.41 -23.19
N ILE A 121 -13.87 21.46 -22.60
CA ILE A 121 -12.44 21.48 -22.32
C ILE A 121 -12.03 20.29 -21.46
N GLY A 122 -12.83 19.94 -20.44
CA GLY A 122 -12.53 18.81 -19.55
C GLY A 122 -12.78 17.50 -20.25
N LEU A 123 -13.91 17.41 -20.97
CA LEU A 123 -14.20 16.20 -21.73
C LEU A 123 -13.06 15.86 -22.66
N LYS A 124 -12.52 16.87 -23.41
CA LYS A 124 -11.44 16.57 -24.35
C LYS A 124 -10.14 16.22 -23.64
N ALA A 125 -9.85 16.85 -22.50
CA ALA A 125 -8.64 16.47 -21.76
C ALA A 125 -8.69 15.03 -21.26
N MET A 126 -9.88 14.55 -20.92
CA MET A 126 -10.07 13.18 -20.45
C MET A 126 -10.36 12.21 -21.59
N ASN A 127 -10.55 12.72 -22.81
CA ASN A 127 -10.86 11.89 -24.01
C ASN A 127 -12.09 11.02 -23.75
N VAL A 128 -13.13 11.65 -23.24
CA VAL A 128 -14.42 11.01 -23.01
C VAL A 128 -15.51 11.89 -23.60
N ASN A 129 -16.67 11.27 -23.88
CA ASN A 129 -17.82 12.04 -24.34
C ASN A 129 -18.77 12.45 -23.18
N LYS A 130 -19.53 13.52 -23.45
CA LYS A 130 -20.47 14.00 -22.45
C LYS A 130 -21.45 12.92 -21.96
N ASN A 131 -21.94 12.05 -22.86
CA ASN A 131 -22.87 11.02 -22.43
C ASN A 131 -22.26 10.12 -21.36
N GLU A 132 -20.95 9.82 -21.48
CA GLU A 132 -20.34 8.96 -20.45
C GLU A 132 -20.35 9.61 -19.08
N VAL A 133 -20.12 10.92 -19.05
CA VAL A 133 -20.06 11.65 -17.76
C VAL A 133 -21.43 11.80 -17.17
N LEU A 134 -22.40 12.18 -18.00
CA LEU A 134 -23.76 12.37 -17.50
C LEU A 134 -24.36 11.05 -17.05
N ASN A 135 -24.06 9.94 -17.71
CA ASN A 135 -24.56 8.67 -17.21
C ASN A 135 -23.93 8.31 -15.88
N PHE A 136 -22.65 8.59 -15.70
CA PHE A 136 -22.01 8.39 -14.42
C PHE A 136 -22.66 9.20 -13.30
N LEU A 137 -23.04 10.41 -13.60
CA LEU A 137 -23.59 11.28 -12.56
C LEU A 137 -24.95 10.78 -12.03
N ASN A 138 -25.67 9.94 -12.78
CA ASN A 138 -26.89 9.38 -12.25
C ASN A 138 -26.68 8.18 -11.33
N THR A 139 -25.43 7.70 -11.15
CA THR A 139 -25.19 6.50 -10.37
C THR A 139 -24.95 6.81 -8.90
N PRO A 140 -25.21 5.83 -8.02
CA PRO A 140 -24.93 6.06 -6.58
C PRO A 140 -23.48 6.42 -6.27
N LYS A 141 -22.53 5.86 -6.99
CA LYS A 141 -21.12 6.17 -6.74
C LYS A 141 -20.82 7.66 -6.97
N ALA A 142 -21.40 8.25 -8.03
CA ALA A 142 -21.20 9.69 -8.26
C ALA A 142 -21.73 10.53 -7.09
N LYS A 143 -22.87 10.14 -6.54
CA LYS A 143 -23.40 10.96 -5.45
C LYS A 143 -22.54 10.83 -4.20
N GLU A 144 -22.00 9.65 -3.96
CA GLU A 144 -21.07 9.43 -2.85
C GLU A 144 -19.79 10.26 -3.00
N ILE A 145 -19.20 10.24 -4.20
CA ILE A 145 -17.95 10.96 -4.42
C ILE A 145 -18.21 12.46 -4.26
N LEU A 146 -19.28 12.97 -4.93
CA LEU A 146 -19.57 14.41 -4.82
C LEU A 146 -19.86 14.78 -3.38
N SER A 147 -20.51 13.90 -2.64
CA SER A 147 -20.80 14.18 -1.23
C SER A 147 -19.50 14.36 -0.45
N GLU A 148 -18.51 13.54 -0.71
CA GLU A 148 -17.21 13.72 -0.01
C GLU A 148 -16.55 15.09 -0.31
N PHE A 149 -16.62 15.56 -1.56
CA PHE A 149 -16.08 16.84 -1.97
C PHE A 149 -16.68 17.98 -1.19
N GLN A 150 -17.90 17.79 -0.62
CA GLN A 150 -18.50 18.91 0.11
C GLN A 150 -17.60 19.36 1.25
N ARG A 151 -16.85 18.44 1.86
CA ARG A 151 -15.99 18.78 2.98
C ARG A 151 -14.76 19.63 2.58
N ALA A 152 -14.44 19.72 1.28
CA ALA A 152 -13.26 20.42 0.82
C ALA A 152 -13.32 21.88 1.21
N ASN A 153 -14.52 22.46 1.20
CA ASN A 153 -14.62 23.90 1.53
C ASN A 153 -14.26 24.17 2.97
N ASP A 154 -14.80 23.38 3.89
CA ASP A 154 -14.46 23.55 5.30
C ASP A 154 -12.97 23.29 5.55
N ILE A 155 -12.40 22.29 4.85
CA ILE A 155 -10.98 21.99 4.95
C ILE A 155 -10.14 23.18 4.46
N ALA A 156 -10.57 23.83 3.40
CA ALA A 156 -9.81 24.94 2.84
C ALA A 156 -9.85 26.23 3.69
N LYS A 157 -10.90 26.44 4.48
CA LYS A 157 -11.01 27.68 5.27
C LYS A 157 -9.93 27.74 6.35
N THR A 158 -9.39 26.63 6.84
CA THR A 158 -8.49 26.73 7.99
C THR A 158 -7.21 27.50 7.67
N TYR A 159 -6.55 27.12 6.58
CA TYR A 159 -5.28 27.67 6.17
C TYR A 159 -5.22 28.08 4.72
N GLY A 160 -6.25 27.89 3.95
CA GLY A 160 -6.14 28.09 2.53
C GLY A 160 -5.82 26.81 1.77
N THR A 161 -5.49 27.01 0.49
CA THR A 161 -5.15 25.88 -0.38
C THR A 161 -3.69 25.99 -0.83
N PRO A 162 -3.08 24.87 -1.25
CA PRO A 162 -3.59 23.50 -1.16
C PRO A 162 -3.54 23.06 0.28
N ALA A 163 -4.43 22.16 0.68
CA ALA A 163 -4.45 21.54 1.98
C ALA A 163 -4.20 20.08 1.75
N PHE A 164 -3.19 19.56 2.40
CA PHE A 164 -2.90 18.14 2.34
C PHE A 164 -3.42 17.48 3.61
N VAL A 165 -4.09 16.33 3.45
CA VAL A 165 -4.68 15.60 4.57
C VAL A 165 -4.22 14.17 4.47
N VAL A 166 -3.67 13.67 5.56
CA VAL A 166 -3.11 12.31 5.61
C VAL A 166 -4.09 11.40 6.31
N ASN A 167 -4.40 10.25 5.66
CA ASN A 167 -5.25 9.18 6.21
C ASN A 167 -6.59 9.70 6.69
N GLY A 168 -7.05 10.76 6.06
CA GLY A 168 -8.32 11.38 6.36
C GLY A 168 -8.41 12.06 7.72
N LYS A 169 -7.30 12.24 8.41
CA LYS A 169 -7.36 12.65 9.80
C LYS A 169 -6.41 13.79 10.14
N TYR A 170 -5.26 13.89 9.47
CA TYR A 170 -4.23 14.86 9.87
C TYR A 170 -4.05 15.87 8.76
N GLN A 171 -4.43 17.11 9.01
CA GLN A 171 -4.35 18.18 8.02
C GLN A 171 -3.08 18.99 8.30
N ILE A 172 -2.22 19.10 7.29
CA ILE A 172 -0.92 19.75 7.44
C ILE A 172 -1.04 21.27 7.33
N ASN A 173 -0.37 21.94 8.19
CA ASN A 173 -0.32 23.39 8.15
C ASN A 173 0.63 23.79 7.04
N PRO A 174 0.21 24.56 6.04
CA PRO A 174 1.15 24.89 4.94
C PRO A 174 2.39 25.64 5.42
N SER A 175 2.31 26.36 6.53
CA SER A 175 3.52 27.02 7.00
C SER A 175 4.61 26.04 7.44
N ALA A 176 4.28 24.75 7.54
CA ALA A 176 5.29 23.76 7.87
C ALA A 176 5.96 23.18 6.63
N ILE A 177 5.50 23.53 5.43
CA ILE A 177 6.01 22.96 4.19
C ILE A 177 6.84 24.03 3.51
N ASN A 178 8.16 23.83 3.41
CA ASN A 178 8.97 24.76 2.64
C ASN A 178 9.80 24.04 1.56
N SER A 179 9.59 22.75 1.38
CA SER A 179 10.32 21.97 0.40
C SER A 179 9.61 20.63 0.24
N MET A 180 9.93 19.93 -0.86
CA MET A 180 9.43 18.58 -1.06
C MET A 180 9.84 17.69 0.10
N GLN A 181 11.06 17.84 0.61
CA GLN A 181 11.50 17.01 1.73
C GLN A 181 10.68 17.25 2.98
N ASP A 182 10.33 18.51 3.28
CA ASP A 182 9.46 18.77 4.42
C ASP A 182 8.16 18.02 4.32
N LEU A 183 7.55 18.01 3.12
CA LEU A 183 6.25 17.41 2.98
C LEU A 183 6.37 15.90 3.05
N GLU A 184 7.44 15.37 2.48
CA GLU A 184 7.72 13.92 2.61
C GLU A 184 7.85 13.52 4.09
N ASP A 185 8.60 14.32 4.87
CA ASP A 185 8.81 14.02 6.28
C ASP A 185 7.48 14.03 7.04
N LEU A 186 6.61 15.03 6.77
CA LEU A 186 5.35 15.07 7.50
C LEU A 186 4.43 13.93 7.09
N VAL A 187 4.41 13.60 5.81
CA VAL A 187 3.55 12.48 5.41
C VAL A 187 4.02 11.16 6.05
N LYS A 188 5.35 10.95 6.16
CA LYS A 188 5.83 9.72 6.81
C LYS A 188 5.45 9.75 8.29
N LYS A 189 5.62 10.88 8.97
CA LYS A 189 5.23 10.95 10.39
C LYS A 189 3.73 10.72 10.56
N LEU A 190 2.92 11.41 9.79
CA LEU A 190 1.49 11.36 10.01
C LEU A 190 0.86 10.06 9.51
N SER A 191 1.43 9.49 8.45
CA SER A 191 0.91 8.22 7.91
C SER A 191 1.10 7.08 8.88
N ASN A 192 1.98 7.23 9.89
CA ASN A 192 2.33 6.17 10.83
C ASN A 192 1.86 6.44 12.25
N MET A 193 0.83 7.26 12.40
CA MET A 193 0.15 7.49 13.68
C MET A 193 -1.21 6.79 13.68
N LYS A 194 -1.82 6.72 14.86
CA LYS A 194 -3.16 6.14 15.00
C LYS A 194 -4.16 6.94 14.16
N ASN B 4 -10.76 -24.03 -9.38
CA ASN B 4 -9.65 -24.84 -8.94
C ASN B 4 -8.37 -23.99 -8.78
N SER B 5 -8.42 -22.73 -9.20
CA SER B 5 -7.25 -21.86 -9.18
C SER B 5 -6.91 -21.38 -7.75
N PHE B 6 -7.89 -21.34 -6.88
CA PHE B 6 -7.68 -20.83 -5.54
C PHE B 6 -8.84 -21.34 -4.69
N ILE B 7 -8.66 -21.29 -3.37
CA ILE B 7 -9.75 -21.60 -2.44
C ILE B 7 -9.90 -20.38 -1.52
N THR B 8 -11.06 -20.28 -0.88
CA THR B 8 -11.36 -19.24 0.09
C THR B 8 -11.21 -19.84 1.47
N LEU B 9 -10.33 -19.24 2.28
CA LEU B 9 -10.12 -19.64 3.67
C LEU B 9 -11.27 -19.14 4.54
N ASN B 10 -11.65 -19.92 5.50
CA ASN B 10 -12.74 -19.59 6.40
C ASN B 10 -12.44 -20.19 7.77
N PRO B 11 -12.17 -19.39 8.80
CA PRO B 11 -12.16 -17.93 8.74
C PRO B 11 -10.91 -17.40 8.02
N SER B 12 -10.98 -16.11 7.60
CA SER B 12 -9.84 -15.42 7.01
C SER B 12 -8.82 -15.13 8.10
N LEU B 13 -7.55 -14.96 7.73
CA LEU B 13 -6.44 -14.80 8.65
C LEU B 13 -6.44 -13.40 9.26
N PRO B 14 -5.99 -13.29 10.51
CA PRO B 14 -5.83 -11.99 11.13
C PRO B 14 -4.60 -11.28 10.59
N ASN B 15 -4.63 -9.96 10.78
CA ASN B 15 -3.53 -9.07 10.45
C ASN B 15 -2.98 -9.30 9.05
N SER B 16 -3.88 -9.44 8.09
CA SER B 16 -3.49 -9.77 6.73
CA SER B 16 -3.45 -9.73 6.73
C SER B 16 -4.14 -8.91 5.66
N GLU B 17 -4.68 -7.73 6.01
CA GLU B 17 -5.17 -6.88 4.95
C GLU B 17 -4.08 -6.49 3.98
N ASN B 18 -4.45 -6.38 2.73
CA ASN B 18 -3.50 -5.94 1.73
C ASN B 18 -2.17 -6.63 1.89
N SER B 19 -2.19 -7.98 1.75
CA SER B 19 -0.98 -8.73 1.99
C SER B 19 -0.91 -9.98 1.13
N VAL B 20 0.30 -10.49 1.01
CA VAL B 20 0.58 -11.85 0.54
C VAL B 20 1.37 -12.50 1.66
N ILE B 21 0.96 -13.72 2.02
CA ILE B 21 1.60 -14.52 3.03
C ILE B 21 2.17 -15.73 2.30
N GLU B 22 3.39 -16.07 2.59
CA GLU B 22 3.95 -17.31 2.00
C GLU B 22 4.23 -18.25 3.15
N ALA B 23 3.56 -19.44 3.11
CA ALA B 23 3.83 -20.49 4.10
C ALA B 23 4.90 -21.38 3.52
N PHE B 24 5.98 -21.54 4.24
CA PHE B 24 7.20 -22.11 3.68
C PHE B 24 7.89 -22.95 4.73
N SER B 25 8.70 -23.90 4.22
CA SER B 25 9.60 -24.71 5.01
C SER B 25 11.03 -24.52 4.51
N TYR B 26 11.99 -24.48 5.44
CA TYR B 26 13.36 -24.34 5.01
C TYR B 26 13.93 -25.57 4.35
N LYS B 27 13.18 -26.65 4.36
CA LYS B 27 13.57 -27.95 3.77
C LYS B 27 12.85 -28.24 2.45
N CYS B 28 12.11 -27.27 1.95
CA CYS B 28 11.33 -27.33 0.74
C CYS B 28 12.13 -26.67 -0.38
N ILE B 29 12.48 -27.43 -1.40
CA ILE B 29 13.36 -26.82 -2.39
C ILE B 29 12.59 -25.87 -3.28
N HIS B 30 11.30 -26.07 -3.46
CA HIS B 30 10.48 -25.09 -4.19
C HIS B 30 10.48 -23.78 -3.42
N CYS B 31 10.37 -23.87 -2.11
CA CYS B 31 10.52 -22.65 -1.30
C CYS B 31 11.89 -21.98 -1.48
N TYR B 32 12.96 -22.74 -1.39
CA TYR B 32 14.30 -22.24 -1.67
C TYR B 32 14.40 -21.64 -3.06
N ASN B 33 13.79 -22.25 -4.05
CA ASN B 33 13.84 -21.68 -5.40
C ASN B 33 13.11 -20.34 -5.47
N HIS B 34 11.96 -20.21 -4.82
CA HIS B 34 11.28 -18.89 -4.74
C HIS B 34 12.13 -17.85 -4.03
N HIS B 35 12.83 -18.26 -2.97
CA HIS B 35 13.69 -17.34 -2.22
C HIS B 35 14.80 -16.79 -3.11
N LYS B 36 15.50 -17.67 -3.82
CA LYS B 36 16.60 -17.28 -4.71
C LYS B 36 16.10 -16.44 -5.88
N PHE B 37 14.93 -16.82 -6.45
CA PHE B 37 14.37 -16.09 -7.59
C PHE B 37 13.90 -14.70 -7.19
N GLY B 38 13.57 -14.49 -5.91
CA GLY B 38 13.13 -13.17 -5.44
C GLY B 38 11.65 -12.95 -5.69
N THR B 39 10.83 -14.02 -5.68
CA THR B 39 9.38 -13.89 -5.91
C THR B 39 8.74 -12.77 -5.08
N LEU B 40 8.98 -12.76 -3.76
CA LEU B 40 8.26 -11.76 -2.96
C LEU B 40 8.68 -10.33 -3.35
N GLU B 41 9.99 -10.12 -3.52
CA GLU B 41 10.50 -8.81 -4.01
C GLU B 41 9.88 -8.43 -5.38
N LYS B 42 9.73 -9.42 -6.28
CA LYS B 42 9.07 -9.09 -7.53
C LYS B 42 7.58 -8.80 -7.38
N LEU B 43 6.89 -9.48 -6.42
CA LEU B 43 5.50 -9.14 -6.18
C LEU B 43 5.36 -7.71 -5.64
N ARG B 44 6.27 -7.27 -4.78
CA ARG B 44 6.19 -5.92 -4.24
C ARG B 44 6.42 -4.89 -5.33
N GLU B 45 7.34 -5.17 -6.24
CA GLU B 45 7.48 -4.30 -7.41
C GLU B 45 6.16 -4.14 -8.15
N ALA B 46 5.41 -5.23 -8.34
CA ALA B 46 4.17 -5.18 -9.10
C ALA B 46 3.00 -4.68 -8.29
N PHE B 47 3.04 -4.88 -6.97
CA PHE B 47 1.96 -4.48 -6.06
C PHE B 47 2.62 -3.78 -4.87
N PRO B 48 3.00 -2.50 -5.01
CA PRO B 48 3.72 -1.82 -3.92
C PRO B 48 2.84 -1.43 -2.73
N ASN B 49 1.54 -1.54 -2.87
CA ASN B 49 0.63 -1.34 -1.75
C ASN B 49 0.47 -2.55 -0.86
N LEU B 50 1.00 -3.77 -1.22
CA LEU B 50 0.85 -4.87 -0.31
C LEU B 50 2.04 -5.08 0.61
N HIS B 51 1.73 -5.81 1.70
CA HIS B 51 2.69 -6.26 2.70
CA HIS B 51 2.68 -6.26 2.72
C HIS B 51 2.95 -7.73 2.48
N PHE B 52 4.12 -8.18 2.83
CA PHE B 52 4.55 -9.57 2.53
C PHE B 52 5.11 -10.17 3.82
N LYS B 53 4.66 -11.40 4.13
CA LYS B 53 5.02 -11.98 5.39
C LYS B 53 5.30 -13.47 5.12
N LEU B 54 6.30 -14.00 5.84
CA LEU B 54 6.60 -15.44 5.87
C LEU B 54 5.88 -16.10 7.03
N TYR B 55 5.27 -17.29 6.74
CA TYR B 55 4.71 -18.13 7.78
C TYR B 55 5.49 -19.45 7.77
N PRO B 56 6.36 -19.72 8.75
CA PRO B 56 7.05 -21.03 8.74
C PRO B 56 6.05 -22.09 9.06
N VAL B 57 6.26 -23.26 8.43
CA VAL B 57 5.41 -24.42 8.63
C VAL B 57 6.12 -25.39 9.57
N SER B 58 5.67 -25.46 10.83
CA SER B 58 6.42 -26.17 11.86
C SER B 58 6.33 -27.65 11.65
N LEU B 59 5.21 -28.10 11.05
CA LEU B 59 5.03 -29.50 10.74
C LEU B 59 6.15 -29.97 9.86
N MET B 60 6.84 -29.05 9.20
CA MET B 60 7.83 -29.37 8.19
C MET B 60 9.24 -28.86 8.46
N ASN B 61 9.51 -28.38 9.70
CA ASN B 61 10.80 -27.83 10.06
C ASN B 61 11.55 -28.61 11.13
N GLY B 62 11.12 -29.87 11.44
CA GLY B 62 11.92 -30.81 12.22
C GLY B 62 11.99 -30.62 13.74
N GLU B 63 13.05 -31.22 14.32
CA GLU B 63 13.25 -31.25 15.77
C GLU B 63 13.15 -29.84 16.42
N PHE B 64 13.76 -28.82 15.83
CA PHE B 64 13.77 -27.46 16.40
C PHE B 64 12.76 -26.54 15.75
N SER B 65 11.64 -27.08 15.34
CA SER B 65 10.63 -26.29 14.67
C SER B 65 10.08 -25.22 15.59
N LYS B 66 9.93 -25.50 16.90
CA LYS B 66 9.37 -24.47 17.77
C LYS B 66 10.29 -23.25 17.84
N GLU B 67 11.58 -23.51 17.90
CA GLU B 67 12.57 -22.46 17.98
C GLU B 67 12.73 -21.77 16.64
N MET B 68 12.53 -22.49 15.54
CA MET B 68 12.51 -21.84 14.24
CA MET B 68 12.51 -21.83 14.24
C MET B 68 11.40 -20.77 14.21
N ASN B 69 10.22 -21.10 14.75
CA ASN B 69 9.09 -20.19 14.75
C ASN B 69 9.43 -18.98 15.58
N GLU B 70 10.13 -19.21 16.73
CA GLU B 70 10.52 -18.07 17.58
C GLU B 70 11.36 -17.09 16.79
N LEU B 71 12.36 -17.56 16.07
CA LEU B 71 13.27 -16.67 15.36
C LEU B 71 12.54 -15.90 14.27
N PHE B 72 11.63 -16.56 13.54
CA PHE B 72 10.87 -15.87 12.49
C PHE B 72 9.86 -14.92 13.10
N ALA B 73 9.29 -15.24 14.25
CA ALA B 73 8.42 -14.20 14.86
C ALA B 73 9.21 -12.95 15.20
N PHE B 74 10.39 -13.14 15.79
CA PHE B 74 11.26 -11.99 16.11
C PHE B 74 11.63 -11.19 14.87
N ALA B 75 11.98 -11.91 13.79
CA ALA B 75 12.37 -11.23 12.57
C ALA B 75 11.19 -10.43 12.01
N GLN B 76 9.98 -10.96 12.13
CA GLN B 76 8.82 -10.25 11.62
C GLN B 76 8.64 -8.97 12.39
N TYR B 77 8.75 -9.07 13.74
CA TYR B 77 8.49 -7.90 14.58
C TYR B 77 9.53 -6.84 14.31
N LYS B 78 10.80 -7.25 14.23
CA LYS B 78 11.88 -6.29 13.98
C LYS B 78 11.77 -5.67 12.59
N ASP B 79 11.42 -6.46 11.57
CA ASP B 79 11.26 -5.89 10.24
C ASP B 79 10.14 -4.88 10.22
N GLU B 80 9.06 -5.16 10.96
CA GLU B 80 7.94 -4.23 11.00
CA GLU B 80 7.94 -4.23 10.98
C GLU B 80 8.38 -2.94 11.67
N GLN B 81 9.21 -3.07 12.71
CA GLN B 81 9.71 -1.87 13.43
C GLN B 81 10.52 -0.98 12.48
N ASN B 82 11.20 -1.59 11.55
CA ASN B 82 12.15 -0.98 10.63
C ASN B 82 11.54 -0.59 9.33
N GLY B 83 10.23 -0.71 9.17
CA GLY B 83 9.59 -0.40 7.90
C GLY B 83 9.87 -1.34 6.74
N LYS B 84 10.21 -2.56 7.03
CA LYS B 84 10.47 -3.54 5.99
C LYS B 84 9.55 -4.74 6.23
N ASP B 85 9.67 -5.73 5.33
CA ASP B 85 8.96 -6.99 5.42
C ASP B 85 9.76 -7.99 4.61
N ALA B 86 9.21 -9.22 4.46
CA ALA B 86 9.97 -10.30 3.85
C ALA B 86 10.27 -10.10 2.35
N SER B 87 9.67 -9.10 1.70
CA SER B 87 9.92 -8.87 0.30
C SER B 87 11.11 -7.96 0.09
N TYR B 88 11.80 -7.57 1.18
CA TYR B 88 13.06 -6.85 1.10
C TYR B 88 14.19 -7.82 1.31
N SER B 89 15.11 -7.82 0.37
CA SER B 89 16.32 -8.63 0.39
C SER B 89 17.16 -8.41 1.65
N ASP B 90 17.13 -7.20 2.23
CA ASP B 90 17.90 -6.89 3.42
C ASP B 90 17.12 -7.06 4.73
N SER B 91 15.90 -7.57 4.67
CA SER B 91 15.14 -7.71 5.92
C SER B 91 15.76 -8.79 6.78
N LEU B 92 15.48 -8.74 8.09
CA LEU B 92 15.89 -9.85 8.95
C LEU B 92 15.19 -11.15 8.51
N SER B 93 13.92 -11.06 8.10
CA SER B 93 13.21 -12.27 7.65
C SER B 93 13.89 -12.92 6.45
N HIS B 94 14.35 -12.14 5.45
CA HIS B 94 15.01 -12.74 4.28
C HIS B 94 16.36 -13.32 4.71
N LYS B 95 17.09 -12.61 5.53
CA LYS B 95 18.40 -13.08 6.01
C LYS B 95 18.28 -14.34 6.85
N LEU B 96 17.22 -14.45 7.62
CA LEU B 96 17.03 -15.66 8.41
C LEU B 96 16.66 -16.81 7.52
N ALA B 97 15.74 -16.59 6.58
CA ALA B 97 15.43 -17.68 5.66
C ALA B 97 16.67 -18.15 4.89
N ASP B 98 17.48 -17.21 4.48
CA ASP B 98 18.66 -17.54 3.70
C ASP B 98 19.59 -18.46 4.48
N VAL B 99 19.85 -18.18 5.77
CA VAL B 99 20.92 -18.97 6.37
C VAL B 99 20.45 -20.41 6.61
N TYR B 100 19.13 -20.61 6.84
CA TYR B 100 18.68 -21.98 7.04
C TYR B 100 18.55 -22.69 5.71
N PHE B 101 18.09 -22.01 4.65
CA PHE B 101 18.07 -22.66 3.33
C PHE B 101 19.51 -23.09 2.97
N VAL B 102 20.46 -22.15 3.07
CA VAL B 102 21.81 -22.52 2.62
CA VAL B 102 21.84 -22.45 2.68
C VAL B 102 22.39 -23.59 3.53
N SER B 103 22.05 -23.58 4.83
CA SER B 103 22.50 -24.62 5.74
C SER B 103 22.04 -26.01 5.29
N TYR B 104 20.75 -26.14 4.91
CA TYR B 104 20.20 -27.43 4.50
C TYR B 104 20.60 -27.80 3.06
N PHE B 105 20.46 -26.89 2.11
CA PHE B 105 20.61 -27.25 0.70
C PHE B 105 22.06 -27.19 0.22
N LEU B 106 22.86 -26.31 0.78
CA LEU B 106 24.25 -26.14 0.34
C LEU B 106 25.25 -26.81 1.28
N ASN B 107 24.89 -27.13 2.51
CA ASN B 107 25.74 -27.96 3.37
C ASN B 107 25.18 -29.38 3.46
N ARG B 110 22.73 -31.64 5.61
CA ARG B 110 23.09 -31.20 6.96
C ARG B 110 21.99 -31.53 7.97
N ASN B 111 22.40 -31.73 9.22
CA ASN B 111 21.50 -31.93 10.34
CA ASN B 111 21.50 -31.93 10.34
C ASN B 111 22.07 -31.15 11.52
N PHE B 112 21.25 -30.91 12.53
CA PHE B 112 21.67 -30.05 13.64
C PHE B 112 21.84 -30.79 14.95
N SER B 113 22.99 -30.49 15.58
CA SER B 113 23.47 -30.98 16.85
C SER B 113 22.47 -30.93 18.01
N ASN B 114 22.14 -29.72 18.42
CA ASN B 114 21.49 -29.40 19.67
C ASN B 114 20.94 -28.01 19.47
N LEU B 115 20.09 -27.60 20.43
CA LEU B 115 19.34 -26.37 20.28
CA LEU B 115 19.34 -26.38 20.26
C LEU B 115 20.24 -25.16 20.19
N ASP B 116 21.29 -25.10 21.01
CA ASP B 116 22.04 -23.84 21.08
C ASP B 116 22.78 -23.57 19.77
N GLU B 117 23.25 -24.64 19.12
CA GLU B 117 23.91 -24.53 17.81
C GLU B 117 22.92 -24.11 16.72
N PHE B 118 21.73 -24.70 16.74
CA PHE B 118 20.68 -24.31 15.80
C PHE B 118 20.35 -22.84 15.96
N TYR B 119 20.12 -22.44 17.20
CA TYR B 119 19.68 -21.08 17.47
C TYR B 119 20.74 -20.07 17.05
N ASP B 120 22.02 -20.36 17.32
CA ASP B 120 23.07 -19.36 17.08
C ASP B 120 23.23 -19.01 15.60
N ILE B 121 22.97 -19.96 14.71
CA ILE B 121 23.04 -19.66 13.28
C ILE B 121 22.06 -18.55 12.91
N GLY B 122 20.86 -18.60 13.48
CA GLY B 122 19.87 -17.58 13.14
C GLY B 122 20.19 -16.27 13.80
N LEU B 123 20.64 -16.35 15.06
CA LEU B 123 21.04 -15.14 15.77
C LEU B 123 22.13 -14.40 14.99
N LYS B 124 23.14 -15.12 14.53
CA LYS B 124 24.24 -14.50 13.79
CA LYS B 124 24.22 -14.46 13.81
C LYS B 124 23.75 -13.94 12.46
N ALA B 125 22.85 -14.64 11.79
CA ALA B 125 22.39 -14.13 10.50
C ALA B 125 21.65 -12.81 10.67
N MET B 126 20.98 -12.61 11.80
CA MET B 126 20.21 -11.40 12.07
C MET B 126 21.01 -10.34 12.78
N ASN B 127 22.22 -10.66 13.22
CA ASN B 127 23.08 -9.76 14.00
C ASN B 127 22.39 -9.26 15.27
N VAL B 128 21.83 -10.20 16.03
CA VAL B 128 21.21 -9.91 17.32
C VAL B 128 21.73 -10.91 18.34
N ASN B 129 21.68 -10.53 19.61
CA ASN B 129 22.09 -11.46 20.66
CA ASN B 129 22.06 -11.42 20.71
C ASN B 129 20.87 -12.23 21.19
N LYS B 130 21.15 -13.36 21.83
CA LYS B 130 20.09 -14.18 22.38
C LYS B 130 19.19 -13.42 23.35
N ASN B 131 19.78 -12.50 24.12
CA ASN B 131 18.99 -11.73 25.09
C ASN B 131 17.88 -10.95 24.42
N GLU B 132 18.17 -10.32 23.30
CA GLU B 132 17.14 -9.57 22.61
C GLU B 132 15.99 -10.46 22.18
N VAL B 133 16.28 -11.69 21.70
CA VAL B 133 15.18 -12.51 21.21
C VAL B 133 14.37 -13.02 22.38
N LEU B 134 15.04 -13.46 23.46
CA LEU B 134 14.32 -14.03 24.59
C LEU B 134 13.48 -12.96 25.27
N ASN B 135 13.96 -11.71 25.31
CA ASN B 135 13.13 -10.66 25.87
CA ASN B 135 13.16 -10.61 25.84
C ASN B 135 11.89 -10.41 25.02
N PHE B 136 12.03 -10.40 23.69
CA PHE B 136 10.86 -10.28 22.82
C PHE B 136 9.87 -11.42 23.05
N LEU B 137 10.34 -12.63 23.24
CA LEU B 137 9.43 -13.78 23.37
C LEU B 137 8.56 -13.66 24.61
N ASN B 138 8.96 -12.84 25.57
CA ASN B 138 8.10 -12.67 26.75
C ASN B 138 6.99 -11.65 26.56
N THR B 139 6.93 -10.96 25.42
CA THR B 139 6.01 -9.85 25.22
C THR B 139 4.71 -10.32 24.61
N PRO B 140 3.64 -9.56 24.82
CA PRO B 140 2.38 -9.91 24.15
C PRO B 140 2.46 -10.01 22.63
N LYS B 141 3.25 -9.18 21.98
CA LYS B 141 3.33 -9.20 20.53
C LYS B 141 3.88 -10.56 20.05
N ALA B 142 4.87 -11.07 20.76
CA ALA B 142 5.43 -12.36 20.38
C ALA B 142 4.35 -13.43 20.44
N LYS B 143 3.54 -13.45 21.49
CA LYS B 143 2.47 -14.46 21.61
CA LYS B 143 2.48 -14.47 21.61
C LYS B 143 1.47 -14.36 20.46
N GLU B 144 1.18 -13.13 20.05
CA GLU B 144 0.25 -12.87 18.96
C GLU B 144 0.84 -13.34 17.66
N ILE B 145 2.09 -13.01 17.37
CA ILE B 145 2.65 -13.46 16.09
C ILE B 145 2.73 -14.99 16.06
N LEU B 146 3.21 -15.61 17.15
CA LEU B 146 3.37 -17.07 17.18
C LEU B 146 2.03 -17.76 17.01
N SER B 147 0.99 -17.19 17.59
CA SER B 147 -0.36 -17.72 17.44
C SER B 147 -0.79 -17.75 15.99
N GLU B 148 -0.47 -16.70 15.23
CA GLU B 148 -0.82 -16.62 13.81
C GLU B 148 -0.13 -17.75 13.03
N PHE B 149 1.14 -18.02 13.36
CA PHE B 149 1.88 -19.10 12.71
C PHE B 149 1.24 -20.44 12.90
N GLN B 150 0.44 -20.62 13.96
CA GLN B 150 -0.21 -21.91 14.21
C GLN B 150 -1.02 -22.35 13.00
N ARG B 151 -1.57 -21.41 12.26
CA ARG B 151 -2.44 -21.73 11.12
C ARG B 151 -1.66 -22.24 9.90
N ALA B 152 -0.34 -22.02 9.86
CA ALA B 152 0.45 -22.29 8.67
C ALA B 152 0.45 -23.80 8.38
N ASN B 153 0.31 -24.59 9.42
CA ASN B 153 0.37 -26.03 9.21
C ASN B 153 -0.84 -26.54 8.46
N ASP B 154 -2.03 -26.11 8.88
CA ASP B 154 -3.23 -26.50 8.15
C ASP B 154 -3.23 -25.93 6.74
N ILE B 155 -2.75 -24.69 6.57
CA ILE B 155 -2.62 -24.09 5.24
C ILE B 155 -1.71 -24.96 4.37
N ALA B 156 -0.65 -25.49 4.95
CA ALA B 156 0.34 -26.25 4.20
C ALA B 156 -0.18 -27.62 3.81
N LYS B 157 -1.12 -28.18 4.59
CA LYS B 157 -1.61 -29.52 4.27
C LYS B 157 -2.43 -29.52 2.99
N THR B 158 -3.07 -28.41 2.63
CA THR B 158 -4.04 -28.44 1.53
C THR B 158 -3.40 -28.84 0.21
N TYR B 159 -2.27 -28.20 -0.12
CA TYR B 159 -1.59 -28.36 -1.39
C TYR B 159 -0.07 -28.51 -1.29
N GLY B 160 0.51 -28.45 -0.09
CA GLY B 160 1.92 -28.45 0.07
C GLY B 160 2.48 -27.06 0.18
N THR B 161 3.80 -26.98 0.14
CA THR B 161 4.53 -25.71 0.23
C THR B 161 5.26 -25.44 -1.09
N PRO B 162 5.57 -24.19 -1.42
CA PRO B 162 5.11 -23.01 -0.67
C PRO B 162 3.65 -22.76 -0.96
N ALA B 163 2.95 -22.13 -0.05
CA ALA B 163 1.57 -21.78 -0.21
C ALA B 163 1.49 -20.27 -0.14
N PHE B 164 0.87 -19.65 -1.15
CA PHE B 164 0.64 -18.22 -1.11
C PHE B 164 -0.79 -17.89 -0.78
N VAL B 165 -1.00 -16.93 0.14
CA VAL B 165 -2.36 -16.55 0.52
C VAL B 165 -2.51 -15.03 0.34
N VAL B 166 -3.55 -14.64 -0.38
CA VAL B 166 -3.73 -13.22 -0.66
C VAL B 166 -4.81 -12.64 0.24
N ASN B 167 -4.45 -11.51 0.88
CA ASN B 167 -5.38 -10.71 1.76
C ASN B 167 -6.00 -11.58 2.85
N GLY B 168 -5.25 -12.58 3.29
CA GLY B 168 -5.69 -13.46 4.36
C GLY B 168 -6.82 -14.43 3.99
N LYS B 169 -7.22 -14.47 2.73
CA LYS B 169 -8.49 -15.10 2.36
C LYS B 169 -8.40 -16.05 1.18
N TYR B 170 -7.54 -15.78 0.20
CA TYR B 170 -7.54 -16.58 -1.04
C TYR B 170 -6.22 -17.31 -1.11
N GLN B 171 -6.25 -18.66 -1.02
CA GLN B 171 -5.06 -19.51 -1.07
C GLN B 171 -4.91 -20.07 -2.48
N ILE B 172 -3.77 -19.77 -3.09
CA ILE B 172 -3.54 -20.10 -4.48
C ILE B 172 -3.21 -21.57 -4.60
N ASN B 173 -3.82 -22.23 -5.56
CA ASN B 173 -3.51 -23.61 -5.85
C ASN B 173 -2.18 -23.65 -6.64
N PRO B 174 -1.16 -24.37 -6.15
CA PRO B 174 0.13 -24.37 -6.89
C PRO B 174 0.00 -25.02 -8.30
N SER B 175 -0.98 -25.91 -8.52
CA SER B 175 -1.18 -26.44 -9.86
C SER B 175 -1.57 -25.36 -10.86
N ALA B 176 -1.94 -24.15 -10.40
CA ALA B 176 -2.19 -23.03 -11.30
C ALA B 176 -0.97 -22.14 -11.52
N ILE B 177 0.12 -22.31 -10.85
CA ILE B 177 1.22 -21.34 -10.94
C ILE B 177 2.07 -22.10 -11.89
N ASN B 178 2.62 -21.64 -13.10
CA ASN B 178 3.74 -22.34 -13.82
C ASN B 178 4.78 -21.33 -14.26
N SER B 179 4.62 -20.10 -13.81
CA SER B 179 5.47 -19.00 -14.19
C SER B 179 5.28 -17.85 -13.21
N MET B 180 6.28 -16.97 -13.15
CA MET B 180 6.16 -15.76 -12.33
C MET B 180 4.96 -14.95 -12.77
N GLN B 181 4.71 -14.89 -14.08
CA GLN B 181 3.57 -14.14 -14.56
C GLN B 181 2.27 -14.79 -14.12
N ASP B 182 2.21 -16.14 -14.12
CA ASP B 182 1.03 -16.83 -13.59
C ASP B 182 0.72 -16.33 -12.19
N LEU B 183 1.75 -16.21 -11.35
CA LEU B 183 1.55 -15.81 -9.97
C LEU B 183 1.20 -14.35 -9.86
N GLU B 184 1.90 -13.51 -10.63
CA GLU B 184 1.57 -12.07 -10.65
CA GLU B 184 1.57 -12.08 -10.63
C GLU B 184 0.12 -11.86 -11.07
N ASP B 185 -0.31 -12.53 -12.15
CA ASP B 185 -1.68 -12.36 -12.61
C ASP B 185 -2.69 -12.77 -11.54
N LEU B 186 -2.44 -13.89 -10.85
CA LEU B 186 -3.39 -14.37 -9.85
C LEU B 186 -3.39 -13.47 -8.62
N VAL B 187 -2.24 -12.93 -8.22
CA VAL B 187 -2.24 -12.00 -7.10
C VAL B 187 -3.04 -10.74 -7.45
N LYS B 188 -2.97 -10.28 -8.71
CA LYS B 188 -3.75 -9.10 -9.08
C LYS B 188 -5.25 -9.40 -9.00
N LYS B 189 -5.66 -10.56 -9.54
CA LYS B 189 -7.06 -10.96 -9.50
C LYS B 189 -7.54 -11.10 -8.07
N LEU B 190 -6.77 -11.81 -7.23
CA LEU B 190 -7.24 -12.07 -5.88
C LEU B 190 -7.16 -10.82 -5.01
N SER B 191 -6.18 -9.95 -5.24
CA SER B 191 -6.03 -8.71 -4.45
C SER B 191 -7.21 -7.74 -4.61
N ASN B 192 -8.00 -7.89 -5.67
CA ASN B 192 -9.08 -6.94 -5.97
C ASN B 192 -10.46 -7.57 -5.86
N MET B 193 -10.59 -8.60 -5.03
CA MET B 193 -11.89 -9.22 -4.78
C MET B 193 -12.44 -8.82 -3.40
C1 PGE C . 6.98 22.28 -1.61
O1 PGE C . 6.26 21.08 -1.31
C2 PGE C . 8.13 22.05 -2.54
O2 PGE C . 7.67 21.97 -3.88
C3 PGE C . 7.25 23.21 -4.43
C4 PGE C . 5.81 23.12 -4.81
O4 PGE C . 4.95 27.73 -3.83
C6 PGE C . 4.68 26.64 -4.67
C5 PGE C . 5.21 25.34 -4.14
O3 PGE C . 5.32 24.40 -5.21
H1 PGE C . 6.35 22.92 -2.00
H12 PGE C . 7.31 22.66 -0.77
HO1 PGE C . 6.77 20.54 -0.92
H2 PGE C . 8.76 22.79 -2.46
H22 PGE C . 8.59 21.22 -2.29
H3 PGE C . 7.38 23.93 -3.77
H32 PGE C . 7.79 23.43 -5.22
H4 PGE C . 5.29 22.79 -4.03
H42 PGE C . 5.70 22.48 -5.54
HO4 PGE C . 4.65 28.44 -4.18
H6 PGE C . 3.71 26.57 -4.79
H62 PGE C . 5.08 26.81 -5.55
H5 PGE C . 6.09 25.48 -3.73
H52 PGE C . 4.60 24.99 -3.45
O1 PG4 D . -8.53 44.64 -16.80
C1 PG4 D . -7.42 43.77 -16.60
C2 PG4 D . -7.17 43.50 -15.17
O2 PG4 D . -6.39 42.32 -15.01
C3 PG4 D . -7.14 41.14 -15.34
C4 PG4 D . -6.46 39.95 -14.74
O3 PG4 D . -6.95 38.73 -15.27
C5 PG4 D . -6.10 37.65 -14.88
C6 PG4 D . -6.50 36.34 -15.50
O4 PG4 D . -5.33 35.55 -15.59
C7 PG4 D . -4.89 34.98 -14.37
C8 PG4 D . -3.49 34.44 -14.53
O5 PG4 D . -2.49 35.44 -14.31
HO1 PG4 D . -8.65 44.77 -17.62
H11 PG4 D . -7.59 42.93 -17.06
H12 PG4 D . -6.63 44.19 -17.01
H21 PG4 D . -8.02 43.41 -14.71
H22 PG4 D . -6.68 44.26 -14.78
H31 PG4 D . -7.20 41.04 -16.31
H32 PG4 D . -8.05 41.21 -14.99
H41 PG4 D . -6.59 39.97 -13.78
H42 PG4 D . -5.50 40.02 -14.93
H51 PG4 D . -6.13 37.57 -13.90
H52 PG4 D . -5.18 37.86 -15.16
H61 PG4 D . -7.18 35.90 -14.93
H62 PG4 D . -6.89 36.49 -16.39
H71 PG4 D . -4.90 35.66 -13.67
H72 PG4 D . -5.49 34.25 -14.10
H81 PG4 D . -3.39 34.08 -15.44
H82 PG4 D . -3.36 33.70 -13.89
HO5 PG4 D . -1.72 35.07 -14.36
#